data_4F0J
#
_entry.id   4F0J
#
_cell.length_a   63.234
_cell.length_b   82.886
_cell.length_c   58.464
_cell.angle_alpha   90.000
_cell.angle_beta   90.000
_cell.angle_gamma   90.000
#
_symmetry.space_group_name_H-M   'P 21 21 2'
#
loop_
_entity.id
_entity.type
_entity.pdbx_description
1 polymer 'Probable hydrolytic enzyme'
2 non-polymer 'NONAETHYLENE GLYCOL'
3 non-polymer 'SULFATE ION'
4 non-polymer 1,2-ETHANEDIOL
5 non-polymer 'CHLORIDE ION'
6 water water
#
_entity_poly.entity_id   1
_entity_poly.type   'polypeptide(L)'
_entity_poly.pdbx_seq_one_letter_code
;GSQAPVYGERLEGFDYAYPVHYLDFTSQGQPLS(MSE)AYLDVAPKKANGRTILL(MSE)HGKNFCAGTWERTIDVLADA
GYRVIAVDQVGFCKSSKPAHYQYSFQQLAANTHALLERLGVARASVIGHS(MSE)GG(MSE)LATRYALLYPRQVERLVL
VNPIGLEDWKALGVPWRSVDDWYRRDLQTSAEGIRQYQQATYYAGEWRPEFDRWVQ(MSE)QAG(MSE)YRGKGRESVAW
NSALTYD(MSE)IFTQPVVYELDRLQ(MSE)PTLLLIGEKDNTAIGKDAAPAELKARLGNYAQLGKDAARRIPQATLVEF
PDLGHTPQIQAPERFHQALLEGLQTQP
;
_entity_poly.pdbx_strand_id   A
#
# COMPACT_ATOMS: atom_id res chain seq x y z
N SER A 2 7.84 17.22 -18.06
CA SER A 2 8.01 18.56 -17.42
C SER A 2 8.16 18.42 -15.89
N GLN A 3 8.29 19.53 -15.19
CA GLN A 3 8.42 19.53 -13.72
C GLN A 3 7.09 19.38 -13.00
N ALA A 4 5.98 19.68 -13.68
CA ALA A 4 4.64 19.44 -13.10
C ALA A 4 3.84 18.63 -14.17
N PRO A 5 4.25 17.38 -14.35
CA PRO A 5 3.69 16.61 -15.47
C PRO A 5 2.18 16.29 -15.27
N VAL A 6 1.48 16.16 -16.39
CA VAL A 6 0.07 15.77 -16.40
C VAL A 6 -0.03 14.31 -16.85
N TYR A 7 -0.59 13.46 -16.00
CA TYR A 7 -0.75 12.03 -16.30
C TYR A 7 -2.24 11.71 -16.46
N GLY A 8 -2.52 10.64 -17.17
CA GLY A 8 -3.92 10.29 -17.43
C GLY A 8 -4.58 9.59 -16.23
N GLU A 9 -5.87 9.26 -16.41
CA GLU A 9 -6.71 8.60 -15.43
C GLU A 9 -6.12 7.30 -14.86
N ARG A 10 -5.39 6.62 -15.74
CA ARG A 10 -4.73 5.38 -15.43
C ARG A 10 -3.20 5.53 -15.50
N LEU A 11 -2.73 6.71 -15.11
CA LEU A 11 -1.31 7.01 -15.05
C LEU A 11 -0.60 6.88 -16.39
N GLU A 12 -1.32 7.18 -17.48
CA GLU A 12 -0.71 7.27 -18.80
C GLU A 12 0.31 8.41 -18.83
N GLY A 13 1.46 8.16 -19.43
CA GLY A 13 2.55 9.09 -19.43
C GLY A 13 3.62 8.87 -18.39
N PHE A 14 3.37 8.03 -17.39
CA PHE A 14 4.31 7.79 -16.33
C PHE A 14 4.82 6.34 -16.46
N ASP A 15 6.14 6.17 -16.52
CA ASP A 15 6.72 4.85 -16.75
C ASP A 15 7.13 4.14 -15.50
N TYR A 16 6.78 2.86 -15.45
CA TYR A 16 7.31 1.99 -14.41
C TYR A 16 8.68 1.47 -14.89
N ALA A 17 9.50 0.99 -13.99
CA ALA A 17 10.86 0.55 -14.33
C ALA A 17 10.91 -0.86 -14.91
N TYR A 18 9.78 -1.58 -14.93
CA TYR A 18 9.73 -2.93 -15.47
C TYR A 18 8.54 -2.99 -16.45
N PRO A 19 8.48 -3.99 -17.32
CA PRO A 19 7.40 -4.04 -18.32
C PRO A 19 6.03 -4.22 -17.63
N VAL A 20 5.03 -3.47 -18.07
CA VAL A 20 3.70 -3.51 -17.36
C VAL A 20 2.82 -4.46 -18.13
N HIS A 21 2.18 -5.37 -17.40
CA HIS A 21 1.21 -6.32 -17.94
C HIS A 21 -0.16 -5.97 -17.40
N TYR A 22 -1.19 -6.49 -18.06
CA TYR A 22 -2.57 -6.24 -17.65
C TYR A 22 -3.41 -7.49 -17.69
N LEU A 23 -4.34 -7.56 -16.76
CA LEU A 23 -5.31 -8.65 -16.69
C LEU A 23 -6.68 -8.03 -16.78
N ASP A 24 -7.44 -8.43 -17.80
CA ASP A 24 -8.82 -8.03 -17.96
C ASP A 24 -9.74 -9.02 -17.27
N PHE A 25 -10.72 -8.48 -16.57
CA PHE A 25 -11.68 -9.33 -15.84
C PHE A 25 -12.97 -8.53 -15.62
N THR A 26 -14.04 -9.21 -15.19
CA THR A 26 -15.31 -8.56 -14.88
C THR A 26 -15.53 -8.63 -13.39
N SER A 27 -15.96 -7.51 -12.77
CA SER A 27 -16.29 -7.51 -11.32
C SER A 27 -17.38 -6.48 -11.09
N GLN A 28 -18.42 -6.88 -10.37
CA GLN A 28 -19.55 -5.98 -10.08
C GLN A 28 -20.14 -5.40 -11.36
N GLY A 29 -20.24 -6.25 -12.37
CA GLY A 29 -20.81 -5.89 -13.63
C GLY A 29 -20.00 -5.00 -14.53
N GLN A 30 -18.76 -4.73 -14.18
CA GLN A 30 -17.86 -3.74 -14.83
CA GLN A 30 -18.02 -3.97 -15.15
C GLN A 30 -16.71 -4.50 -15.56
N PRO A 31 -16.30 -4.06 -16.74
CA PRO A 31 -15.03 -4.57 -17.26
C PRO A 31 -13.90 -3.78 -16.61
N LEU A 32 -12.97 -4.50 -16.02
CA LEU A 32 -11.85 -3.90 -15.33
C LEU A 32 -10.53 -4.48 -15.84
N SER A 33 -9.47 -3.71 -15.60
CA SER A 33 -8.12 -4.09 -15.98
C SER A 33 -7.21 -3.81 -14.80
N ALA A 35 -3.25 -3.67 -13.64
CA ALA A 35 -1.86 -3.59 -14.13
C ALA A 35 -1.01 -4.34 -13.10
N TYR A 36 0.09 -4.96 -13.58
CA TYR A 36 1.00 -5.60 -12.68
C TYR A 36 2.39 -5.78 -13.35
N LEU A 37 3.39 -5.92 -12.49
CA LEU A 37 4.76 -6.27 -12.84
C LEU A 37 4.99 -7.70 -12.43
N ASP A 38 5.80 -8.42 -13.20
CA ASP A 38 6.06 -9.87 -12.96
C ASP A 38 7.51 -10.09 -13.40
N VAL A 39 8.40 -10.19 -12.43
CA VAL A 39 9.81 -10.22 -12.72
C VAL A 39 10.37 -11.58 -12.24
N ALA A 40 11.09 -12.24 -13.13
CA ALA A 40 11.67 -13.57 -12.86
C ALA A 40 13.09 -13.45 -12.38
N PRO A 41 13.51 -14.34 -11.48
CA PRO A 41 14.89 -14.39 -11.06
C PRO A 41 15.83 -15.06 -12.09
N LYS A 42 17.12 -14.74 -12.08
CA LYS A 42 18.08 -15.46 -12.88
C LYS A 42 18.16 -16.90 -12.41
N LYS A 43 18.32 -17.10 -11.10
CA LYS A 43 18.33 -18.43 -10.54
C LYS A 43 17.27 -18.52 -9.44
N ALA A 44 16.25 -19.33 -9.67
CA ALA A 44 15.09 -19.40 -8.80
C ALA A 44 15.44 -20.02 -7.45
N ASN A 45 14.95 -19.40 -6.38
CA ASN A 45 15.07 -19.95 -5.02
C ASN A 45 13.85 -20.78 -4.62
N GLY A 46 12.88 -20.88 -5.50
CA GLY A 46 11.68 -21.68 -5.29
C GLY A 46 10.49 -20.98 -4.64
N ARG A 47 10.61 -19.68 -4.43
CA ARG A 47 9.58 -18.89 -3.74
C ARG A 47 9.12 -17.71 -4.65
N THR A 48 7.92 -17.22 -4.32
CA THR A 48 7.29 -16.11 -5.03
C THR A 48 6.85 -15.06 -4.01
N ILE A 49 7.06 -13.80 -4.36
CA ILE A 49 6.69 -12.67 -3.56
C ILE A 49 5.62 -11.85 -4.25
N LEU A 50 4.60 -11.44 -3.48
CA LEU A 50 3.57 -10.52 -3.94
C LEU A 50 3.72 -9.22 -3.14
N LEU A 51 3.87 -8.12 -3.86
CA LEU A 51 4.03 -6.80 -3.27
C LEU A 51 2.76 -5.97 -3.45
N HIS A 53 1.09 -2.13 -2.82
CA HIS A 53 1.37 -0.70 -2.66
C HIS A 53 0.48 -0.02 -1.60
N GLY A 54 0.99 1.10 -1.11
CA GLY A 54 0.20 1.99 -0.26
C GLY A 54 -0.86 2.72 -1.05
N LYS A 55 -1.71 3.47 -0.35
CA LYS A 55 -2.81 4.17 -0.99
C LYS A 55 -2.32 5.18 -2.04
N ASN A 56 -1.15 5.78 -1.75
CA ASN A 56 -0.60 6.89 -2.54
C ASN A 56 0.62 6.53 -3.37
N PHE A 57 0.97 5.25 -3.40
CA PHE A 57 2.08 4.75 -4.20
C PHE A 57 1.55 3.73 -5.22
N CYS A 58 2.45 3.19 -6.03
CA CYS A 58 2.05 2.29 -7.12
C CYS A 58 2.97 1.11 -7.20
N ALA A 59 2.65 0.16 -8.08
CA ALA A 59 3.49 -1.04 -8.28
C ALA A 59 4.92 -0.58 -8.58
N GLY A 60 5.04 0.42 -9.45
CA GLY A 60 6.33 0.96 -9.86
C GLY A 60 7.22 1.50 -8.76
N THR A 61 6.59 1.99 -7.67
CA THR A 61 7.36 2.54 -6.54
C THR A 61 8.17 1.45 -5.81
N TRP A 62 7.81 0.20 -6.03
CA TRP A 62 8.58 -0.94 -5.51
C TRP A 62 9.86 -1.29 -6.26
N GLU A 63 10.21 -0.50 -7.28
CA GLU A 63 11.30 -0.87 -8.22
C GLU A 63 12.56 -1.39 -7.54
N ARG A 64 13.09 -0.71 -6.52
CA ARG A 64 14.32 -1.19 -5.87
C ARG A 64 14.15 -2.53 -5.12
N THR A 65 13.01 -2.65 -4.45
CA THR A 65 12.68 -3.92 -3.78
C THR A 65 12.54 -5.06 -4.78
N ILE A 66 11.94 -4.78 -5.94
CA ILE A 66 11.83 -5.81 -6.96
C ILE A 66 13.22 -6.26 -7.38
N ASP A 67 14.08 -5.30 -7.69
CA ASP A 67 15.47 -5.61 -8.10
C ASP A 67 16.15 -6.49 -7.02
N VAL A 68 16.06 -6.10 -5.75
CA VAL A 68 16.72 -6.81 -4.70
C VAL A 68 16.18 -8.26 -4.56
N LEU A 69 14.86 -8.37 -4.54
CA LEU A 69 14.26 -9.69 -4.30
C LEU A 69 14.48 -10.66 -5.48
N ALA A 70 14.42 -10.16 -6.71
CA ALA A 70 14.66 -10.96 -7.91
C ALA A 70 16.12 -11.43 -7.93
N ASP A 71 17.03 -10.53 -7.55
CA ASP A 71 18.45 -10.88 -7.43
C ASP A 71 18.68 -11.95 -6.37
N ALA A 72 17.85 -11.99 -5.32
CA ALA A 72 17.93 -13.00 -4.26
C ALA A 72 17.23 -14.35 -4.63
N GLY A 73 16.62 -14.38 -5.79
CA GLY A 73 16.05 -15.58 -6.41
C GLY A 73 14.54 -15.73 -6.36
N TYR A 74 13.83 -14.69 -5.95
CA TYR A 74 12.37 -14.74 -5.88
C TYR A 74 11.81 -14.32 -7.22
N ARG A 75 10.67 -14.93 -7.58
CA ARG A 75 9.80 -14.38 -8.58
C ARG A 75 9.01 -13.27 -7.86
N VAL A 76 8.88 -12.12 -8.51
CA VAL A 76 8.29 -10.95 -7.83
C VAL A 76 7.11 -10.44 -8.62
N ILE A 77 5.95 -10.35 -7.99
CA ILE A 77 4.75 -9.83 -8.64
C ILE A 77 4.31 -8.60 -7.83
N ALA A 78 4.12 -7.48 -8.52
CA ALA A 78 3.67 -6.25 -7.88
C ALA A 78 2.42 -5.79 -8.64
N VAL A 79 1.30 -5.68 -7.91
CA VAL A 79 0.03 -5.40 -8.58
CA VAL A 79 -0.04 -5.43 -8.52
C VAL A 79 -0.52 -4.03 -8.16
N ASP A 80 -1.12 -3.34 -9.14
CA ASP A 80 -1.91 -2.09 -8.93
C ASP A 80 -3.35 -2.53 -8.66
N GLN A 81 -3.85 -2.26 -7.47
CA GLN A 81 -5.27 -2.61 -7.22
C GLN A 81 -6.25 -1.79 -8.06
N VAL A 82 -7.44 -2.36 -8.38
CA VAL A 82 -8.53 -1.62 -8.94
C VAL A 82 -8.71 -0.32 -8.17
N GLY A 83 -8.79 0.79 -8.86
CA GLY A 83 -8.89 2.07 -8.17
C GLY A 83 -7.63 2.89 -8.07
N PHE A 84 -6.52 2.29 -8.54
CA PHE A 84 -5.19 2.82 -8.27
C PHE A 84 -4.31 2.80 -9.50
N CYS A 85 -3.53 3.84 -9.68
CA CYS A 85 -2.35 3.75 -10.53
C CYS A 85 -2.69 3.43 -11.96
N LYS A 86 -2.09 2.37 -12.53
CA LYS A 86 -2.37 2.02 -13.92
C LYS A 86 -3.57 1.09 -14.12
N SER A 87 -4.24 0.69 -13.05
CA SER A 87 -5.47 -0.09 -13.13
C SER A 87 -6.69 0.81 -13.38
N SER A 88 -7.78 0.18 -13.83
CA SER A 88 -9.06 0.82 -13.99
C SER A 88 -9.46 1.70 -12.80
N LYS A 89 -10.06 2.84 -13.12
CA LYS A 89 -10.78 3.68 -12.17
CA LYS A 89 -10.78 3.68 -12.18
C LYS A 89 -12.26 3.56 -12.52
N PRO A 90 -12.94 2.57 -11.91
CA PRO A 90 -14.34 2.33 -12.32
C PRO A 90 -15.23 3.53 -12.05
N ALA A 91 -16.23 3.71 -12.91
CA ALA A 91 -17.28 4.68 -12.67
C ALA A 91 -17.99 4.35 -11.34
N HIS A 92 -18.22 3.05 -11.10
CA HIS A 92 -18.90 2.59 -9.92
C HIS A 92 -18.36 1.29 -9.39
N TYR A 93 -18.23 1.19 -8.07
CA TYR A 93 -17.69 0.01 -7.42
C TYR A 93 -17.95 0.15 -5.97
N GLN A 94 -18.33 -0.96 -5.30
CA GLN A 94 -18.36 -0.97 -3.84
C GLN A 94 -17.12 -1.67 -3.28
N TYR A 95 -16.23 -0.89 -2.69
CA TYR A 95 -14.92 -1.36 -2.34
C TYR A 95 -14.96 -2.06 -0.99
N SER A 96 -14.26 -3.18 -0.91
CA SER A 96 -13.93 -3.82 0.35
C SER A 96 -12.57 -4.45 0.20
N PHE A 97 -11.92 -4.69 1.31
CA PHE A 97 -10.61 -5.33 1.27
C PHE A 97 -10.73 -6.76 0.77
N GLN A 98 -11.86 -7.45 1.08
CA GLN A 98 -12.10 -8.77 0.49
C GLN A 98 -12.23 -8.77 -1.01
N GLN A 99 -12.95 -7.81 -1.57
CA GLN A 99 -13.11 -7.75 -2.97
C GLN A 99 -11.73 -7.53 -3.65
N LEU A 100 -10.94 -6.61 -3.10
CA LEU A 100 -9.63 -6.38 -3.74
C LEU A 100 -8.71 -7.59 -3.57
N ALA A 101 -8.75 -8.21 -2.39
CA ALA A 101 -7.97 -9.41 -2.19
C ALA A 101 -8.36 -10.50 -3.18
N ALA A 102 -9.68 -10.65 -3.44
CA ALA A 102 -10.15 -11.69 -4.37
C ALA A 102 -9.73 -11.41 -5.79
N ASN A 103 -9.72 -10.12 -6.15
CA ASN A 103 -9.25 -9.70 -7.47
C ASN A 103 -7.75 -10.08 -7.65
N THR A 104 -7.00 -9.89 -6.57
CA THR A 104 -5.58 -10.19 -6.59
C THR A 104 -5.37 -11.72 -6.64
N HIS A 105 -6.08 -12.46 -5.78
CA HIS A 105 -6.06 -13.94 -5.82
C HIS A 105 -6.35 -14.48 -7.16
N ALA A 106 -7.30 -13.87 -7.88
CA ALA A 106 -7.60 -14.30 -9.21
C ALA A 106 -6.44 -14.09 -10.21
N LEU A 107 -5.78 -12.96 -10.09
CA LEU A 107 -4.58 -12.69 -10.87
C LEU A 107 -3.51 -13.74 -10.56
N LEU A 108 -3.24 -14.00 -9.28
CA LEU A 108 -2.18 -14.97 -8.96
C LEU A 108 -2.49 -16.35 -9.48
N GLU A 109 -3.78 -16.74 -9.47
CA GLU A 109 -4.21 -17.99 -10.12
CA GLU A 109 -4.16 -17.99 -10.08
C GLU A 109 -3.80 -18.04 -11.58
N ARG A 110 -4.10 -16.97 -12.31
CA ARG A 110 -3.78 -16.87 -13.74
C ARG A 110 -2.25 -16.86 -14.01
N LEU A 111 -1.50 -16.44 -13.02
CA LEU A 111 0.01 -16.38 -13.10
C LEU A 111 0.62 -17.70 -12.61
N GLY A 112 -0.20 -18.64 -12.13
CA GLY A 112 0.25 -19.99 -11.77
C GLY A 112 0.83 -20.10 -10.39
N VAL A 113 0.56 -19.11 -9.54
CA VAL A 113 1.17 -19.05 -8.20
C VAL A 113 0.33 -19.80 -7.18
N ALA A 114 0.88 -20.87 -6.61
CA ALA A 114 0.13 -21.64 -5.60
C ALA A 114 0.22 -21.04 -4.21
N ARG A 115 1.34 -20.41 -3.91
CA ARG A 115 1.63 -19.86 -2.62
C ARG A 115 2.68 -18.76 -2.76
N ALA A 116 2.57 -17.75 -1.93
CA ALA A 116 3.50 -16.64 -1.96
C ALA A 116 3.81 -16.13 -0.56
N SER A 117 4.89 -15.39 -0.46
CA SER A 117 5.17 -14.50 0.66
C SER A 117 4.64 -13.14 0.25
N VAL A 118 3.83 -12.53 1.11
CA VAL A 118 3.10 -11.32 0.73
C VAL A 118 3.63 -10.14 1.55
N ILE A 119 4.00 -9.04 0.91
CA ILE A 119 4.60 -7.85 1.55
C ILE A 119 3.64 -6.71 1.23
N GLY A 120 3.08 -6.06 2.24
CA GLY A 120 2.23 -4.93 2.04
C GLY A 120 2.69 -3.71 2.78
N HIS A 121 2.76 -2.56 2.11
CA HIS A 121 3.09 -1.26 2.72
C HIS A 121 1.82 -0.49 3.02
N SER A 122 1.64 0.02 4.22
CA SER A 122 0.60 1.04 4.52
C SER A 122 -0.83 0.49 4.23
N GLY A 124 -1.61 -1.15 1.74
CA GLY A 124 -1.29 -2.50 1.19
C GLY A 124 -1.09 -3.53 2.25
N GLY A 125 -0.62 -3.04 3.36
CA GLY A 125 -0.48 -3.87 4.54
C GLY A 125 -1.80 -4.30 5.15
N LEU A 127 -4.56 -4.46 3.37
CA LEU A 127 -5.04 -5.39 2.37
C LEU A 127 -4.36 -6.77 2.44
N ALA A 128 -3.02 -6.77 2.65
CA ALA A 128 -2.25 -8.00 2.76
C ALA A 128 -2.74 -8.85 3.95
N THR A 129 -3.09 -8.15 5.04
CA THR A 129 -3.65 -8.77 6.19
C THR A 129 -4.96 -9.48 5.82
N ARG A 130 -5.87 -8.77 5.13
CA ARG A 130 -7.13 -9.35 4.76
C ARG A 130 -6.90 -10.55 3.82
N TYR A 131 -5.96 -10.41 2.90
CA TYR A 131 -5.59 -11.50 1.95
C TYR A 131 -5.13 -12.73 2.69
N ALA A 132 -4.27 -12.52 3.68
CA ALA A 132 -3.75 -13.61 4.49
C ALA A 132 -4.82 -14.30 5.32
N LEU A 133 -5.79 -13.54 5.82
CA LEU A 133 -6.93 -14.09 6.56
C LEU A 133 -7.82 -14.91 5.65
N LEU A 134 -8.00 -14.45 4.41
CA LEU A 134 -8.85 -15.18 3.46
C LEU A 134 -8.22 -16.46 2.86
N TYR A 135 -6.90 -16.42 2.63
CA TYR A 135 -6.16 -17.45 1.90
C TYR A 135 -4.93 -17.91 2.64
N PRO A 136 -5.14 -18.43 3.84
CA PRO A 136 -3.94 -18.73 4.61
C PRO A 136 -3.07 -19.85 4.02
N ARG A 137 -3.70 -20.79 3.30
CA ARG A 137 -2.94 -21.89 2.74
C ARG A 137 -2.03 -21.41 1.61
N GLN A 138 -2.30 -20.22 1.11
CA GLN A 138 -1.55 -19.66 0.02
C GLN A 138 -0.68 -18.48 0.36
N VAL A 139 -0.46 -18.29 1.66
CA VAL A 139 0.40 -17.22 2.19
C VAL A 139 1.38 -17.86 3.16
N GLU A 140 2.63 -18.07 2.73
CA GLU A 140 3.57 -18.78 3.61
C GLU A 140 4.11 -17.82 4.65
N ARG A 141 4.22 -16.55 4.29
CA ARG A 141 4.79 -15.53 5.21
C ARG A 141 4.17 -14.23 4.90
N LEU A 142 3.85 -13.43 5.91
CA LEU A 142 3.27 -12.14 5.74
C LEU A 142 4.23 -11.09 6.23
N VAL A 143 4.52 -10.04 5.48
CA VAL A 143 5.36 -8.93 5.89
C VAL A 143 4.57 -7.65 5.81
N LEU A 144 4.46 -6.91 6.90
CA LEU A 144 3.75 -5.65 6.93
C LEU A 144 4.78 -4.54 7.21
N VAL A 145 4.85 -3.59 6.29
CA VAL A 145 5.75 -2.46 6.32
C VAL A 145 4.90 -1.25 6.68
N ASN A 146 5.04 -0.73 7.89
CA ASN A 146 4.23 0.39 8.36
C ASN A 146 2.80 0.29 7.89
N PRO A 147 2.17 -0.86 8.16
CA PRO A 147 0.76 -0.92 7.73
C PRO A 147 -0.10 0.14 8.43
N ILE A 148 -1.15 0.58 7.76
CA ILE A 148 -2.24 1.28 8.40
C ILE A 148 -3.22 0.24 8.86
N GLY A 149 -4.19 0.69 9.64
CA GLY A 149 -5.09 -0.24 10.25
C GLY A 149 -4.53 -0.90 11.54
N LEU A 150 -3.51 -0.40 12.28
CA LEU A 150 -3.10 -0.98 13.55
C LEU A 150 -3.93 -0.41 14.72
N GLU A 151 -4.78 0.56 14.41
CA GLU A 151 -5.80 1.09 15.38
C GLU A 151 -7.06 1.38 14.54
N ASP A 152 -8.23 1.27 15.17
CA ASP A 152 -9.54 1.50 14.46
C ASP A 152 -9.93 2.94 14.81
N TRP A 153 -9.67 3.84 13.87
CA TRP A 153 -9.81 5.25 14.09
C TRP A 153 -11.18 5.64 14.58
N LYS A 154 -12.22 5.12 13.93
CA LYS A 154 -13.57 5.45 14.36
C LYS A 154 -13.82 5.11 15.86
N ALA A 155 -13.25 4.01 16.31
CA ALA A 155 -13.45 3.57 17.66
C ALA A 155 -12.70 4.43 18.69
N LEU A 156 -11.69 5.16 18.21
CA LEU A 156 -10.96 6.12 19.03
C LEU A 156 -11.60 7.51 19.06
N GLY A 157 -12.64 7.74 18.26
CA GLY A 157 -13.28 9.05 18.19
C GLY A 157 -12.92 9.89 16.99
N VAL A 158 -12.19 9.34 16.03
CA VAL A 158 -11.95 10.12 14.79
C VAL A 158 -13.28 10.31 14.10
N PRO A 159 -13.67 11.58 13.78
CA PRO A 159 -14.98 11.80 13.13
C PRO A 159 -15.07 11.20 11.73
N TRP A 160 -16.16 10.49 11.49
CA TRP A 160 -16.52 10.08 10.16
C TRP A 160 -16.71 11.19 9.15
N ARG A 161 -16.22 10.93 7.94
CA ARG A 161 -16.39 11.77 6.77
C ARG A 161 -17.07 10.94 5.69
N SER A 162 -18.05 11.53 5.02
CA SER A 162 -18.73 10.82 3.95
C SER A 162 -17.86 10.67 2.71
N VAL A 163 -18.21 9.68 1.89
CA VAL A 163 -17.61 9.56 0.56
C VAL A 163 -17.63 10.90 -0.19
N ASP A 164 -18.74 11.59 -0.13
CA ASP A 164 -18.88 12.84 -0.90
C ASP A 164 -17.88 13.89 -0.35
N ASP A 165 -17.71 13.94 0.95
CA ASP A 165 -16.81 14.91 1.53
C ASP A 165 -15.36 14.50 1.28
N TRP A 166 -15.01 13.22 1.35
CA TRP A 166 -13.68 12.80 0.90
C TRP A 166 -13.42 13.26 -0.52
N TYR A 167 -14.39 13.05 -1.41
CA TYR A 167 -14.24 13.44 -2.79
C TYR A 167 -13.91 14.94 -2.97
N ARG A 168 -14.73 15.77 -2.35
CA ARG A 168 -14.48 17.20 -2.45
C ARG A 168 -13.12 17.60 -1.88
N ARG A 169 -12.71 17.02 -0.78
CA ARG A 169 -11.42 17.28 -0.25
C ARG A 169 -10.28 16.85 -1.18
N ASP A 170 -10.43 15.70 -1.80
CA ASP A 170 -9.37 15.08 -2.59
C ASP A 170 -9.09 15.83 -3.87
N LEU A 171 -10.09 16.50 -4.43
CA LEU A 171 -9.88 17.31 -5.62
C LEU A 171 -8.91 18.48 -5.43
N GLN A 172 -8.55 18.75 -4.20
CA GLN A 172 -7.63 19.81 -3.96
C GLN A 172 -6.19 19.39 -3.89
N THR A 173 -5.93 18.13 -4.20
CA THR A 173 -4.58 17.56 -4.06
C THR A 173 -3.60 18.30 -4.96
N SER A 174 -2.47 18.68 -4.38
CA SER A 174 -1.42 19.40 -5.14
C SER A 174 -0.06 18.82 -4.80
N ALA A 175 0.92 18.98 -5.70
CA ALA A 175 2.28 18.53 -5.36
C ALA A 175 2.82 19.20 -4.11
N GLU A 176 2.53 20.49 -3.92
CA GLU A 176 3.00 21.22 -2.72
C GLU A 176 2.44 20.58 -1.47
N GLY A 177 1.17 20.28 -1.48
CA GLY A 177 0.49 19.65 -0.35
C GLY A 177 0.97 18.24 -0.11
N ILE A 178 1.13 17.48 -1.18
CA ILE A 178 1.68 16.10 -1.06
C ILE A 178 3.07 16.18 -0.42
N ARG A 179 3.96 17.02 -0.92
CA ARG A 179 5.30 17.05 -0.37
C ARG A 179 5.29 17.44 1.11
N GLN A 180 4.44 18.39 1.49
CA GLN A 180 4.40 18.84 2.89
CA GLN A 180 4.39 18.83 2.89
C GLN A 180 4.05 17.63 3.78
N TYR A 181 3.05 16.88 3.36
CA TYR A 181 2.64 15.64 4.07
C TYR A 181 3.74 14.55 4.05
N GLN A 182 4.27 14.23 2.88
CA GLN A 182 5.29 13.14 2.78
C GLN A 182 6.64 13.42 3.50
N GLN A 183 7.16 14.64 3.36
CA GLN A 183 8.41 14.95 4.01
C GLN A 183 8.27 14.77 5.53
N ALA A 184 7.14 15.21 6.09
CA ALA A 184 6.91 15.07 7.53
C ALA A 184 6.64 13.60 7.97
N THR A 185 5.82 12.88 7.21
CA THR A 185 5.20 11.59 7.63
C THR A 185 5.90 10.37 7.06
N TYR A 186 6.26 10.44 5.79
CA TYR A 186 7.00 9.35 5.11
CA TYR A 186 6.96 9.31 5.19
C TYR A 186 8.48 9.27 5.50
N TYR A 187 9.16 10.42 5.55
CA TYR A 187 10.59 10.45 5.56
C TYR A 187 11.25 11.14 6.77
N ALA A 188 10.50 11.33 7.87
CA ALA A 188 11.10 11.80 9.11
C ALA A 188 11.78 13.14 8.87
N GLY A 189 11.14 14.00 8.08
CA GLY A 189 11.65 15.38 7.82
C GLY A 189 12.76 15.47 6.77
N GLU A 190 13.18 14.34 6.20
CA GLU A 190 14.21 14.31 5.12
C GLU A 190 13.60 14.48 3.72
N TRP A 191 14.42 14.95 2.79
CA TRP A 191 14.00 14.95 1.41
C TRP A 191 15.20 14.75 0.53
N ARG A 192 15.04 13.97 -0.52
CA ARG A 192 16.06 13.78 -1.55
C ARG A 192 15.37 13.93 -2.88
N PRO A 193 16.10 14.39 -3.90
CA PRO A 193 15.41 14.67 -5.17
C PRO A 193 14.70 13.45 -5.79
N GLU A 194 15.22 12.24 -5.54
CA GLU A 194 14.57 11.02 -6.05
C GLU A 194 13.16 10.80 -5.51
N PHE A 195 12.83 11.39 -4.36
CA PHE A 195 11.46 11.31 -3.81
C PHE A 195 10.42 12.08 -4.63
N ASP A 196 10.91 13.05 -5.37
CA ASP A 196 10.00 13.89 -6.15
C ASP A 196 9.25 13.11 -7.21
N ARG A 197 9.86 12.04 -7.76
CA ARG A 197 9.20 11.27 -8.83
C ARG A 197 7.83 10.79 -8.33
N TRP A 198 7.80 10.31 -7.09
CA TRP A 198 6.57 9.71 -6.54
C TRP A 198 5.53 10.76 -6.22
N VAL A 199 5.98 11.95 -5.79
CA VAL A 199 5.05 13.05 -5.56
C VAL A 199 4.37 13.42 -6.89
N GLN A 200 5.15 13.57 -7.92
CA GLN A 200 4.59 13.99 -9.21
C GLN A 200 3.75 12.88 -9.86
N GLN A 202 1.68 11.00 -8.28
CA GLN A 202 0.37 11.20 -7.68
C GLN A 202 -0.22 12.52 -8.14
N ALA A 203 0.55 13.60 -8.04
CA ALA A 203 0.00 14.93 -8.37
C ALA A 203 -0.46 15.02 -9.81
N GLY A 204 0.25 14.33 -10.71
CA GLY A 204 -0.06 14.44 -12.15
C GLY A 204 -1.41 13.80 -12.47
N TYR A 206 -4.05 14.13 -10.72
CA TYR A 206 -5.00 15.16 -10.36
C TYR A 206 -4.96 16.40 -11.23
N ARG A 207 -4.06 16.41 -12.20
CA ARG A 207 -4.00 17.45 -13.22
C ARG A 207 -4.76 17.06 -14.47
N GLY A 208 -4.71 15.80 -14.85
CA GLY A 208 -5.29 15.40 -16.13
C GLY A 208 -6.81 15.37 -16.24
N LYS A 209 -7.23 14.88 -17.39
CA LYS A 209 -8.63 14.69 -17.71
C LYS A 209 -9.20 13.63 -16.80
N GLY A 210 -8.42 12.81 -16.18
CA GLY A 210 -9.11 11.86 -15.32
C GLY A 210 -9.29 12.27 -13.88
N ARG A 211 -9.09 13.55 -13.56
CA ARG A 211 -8.94 13.91 -12.16
C ARG A 211 -10.18 13.62 -11.36
N GLU A 212 -11.34 13.80 -11.93
CA GLU A 212 -12.55 13.50 -11.08
C GLU A 212 -12.73 12.02 -10.78
N SER A 213 -12.39 11.18 -11.75
CA SER A 213 -12.47 9.72 -11.60
CA SER A 213 -12.48 9.73 -11.58
C SER A 213 -11.44 9.27 -10.58
N VAL A 214 -10.24 9.86 -10.63
CA VAL A 214 -9.21 9.56 -9.68
C VAL A 214 -9.64 9.93 -8.29
N ALA A 215 -10.17 11.13 -8.10
CA ALA A 215 -10.62 11.60 -6.83
C ALA A 215 -11.82 10.76 -6.27
N TRP A 216 -12.73 10.41 -7.16
CA TRP A 216 -13.88 9.61 -6.72
C TRP A 216 -13.45 8.25 -6.20
N ASN A 217 -12.56 7.56 -6.93
CA ASN A 217 -12.03 6.29 -6.42
C ASN A 217 -11.19 6.45 -5.20
N SER A 218 -10.47 7.56 -5.10
CA SER A 218 -9.74 7.80 -3.87
C SER A 218 -10.68 7.97 -2.67
N ALA A 219 -11.77 8.65 -2.83
CA ALA A 219 -12.79 8.82 -1.80
C ALA A 219 -13.43 7.49 -1.38
N LEU A 220 -13.77 6.67 -2.37
CA LEU A 220 -14.39 5.32 -2.09
C LEU A 220 -13.40 4.46 -1.28
N THR A 221 -12.10 4.56 -1.60
CA THR A 221 -11.13 3.74 -0.87
C THR A 221 -10.76 4.30 0.49
N TYR A 222 -10.81 5.61 0.67
CA TYR A 222 -10.76 6.17 2.02
C TYR A 222 -11.90 5.66 2.91
N ASP A 223 -13.07 5.56 2.33
CA ASP A 223 -14.26 5.10 3.02
C ASP A 223 -14.08 3.64 3.40
N ILE A 225 -11.19 2.08 3.89
CA ILE A 225 -10.19 1.99 4.99
C ILE A 225 -10.80 2.35 6.31
N PHE A 226 -11.64 3.34 6.36
CA PHE A 226 -12.28 3.86 7.61
C PHE A 226 -13.32 2.93 8.18
N THR A 227 -14.11 2.29 7.32
CA THR A 227 -15.26 1.53 7.80
C THR A 227 -15.03 0.06 7.96
N GLN A 228 -13.87 -0.47 7.52
CA GLN A 228 -13.63 -1.91 7.43
C GLN A 228 -12.31 -2.37 8.07
N PRO A 229 -12.19 -2.28 9.42
CA PRO A 229 -10.94 -2.61 10.09
C PRO A 229 -10.54 -4.11 10.05
N VAL A 230 -9.22 -4.33 10.13
CA VAL A 230 -8.61 -5.66 10.29
C VAL A 230 -8.07 -5.90 11.68
N VAL A 231 -7.94 -4.84 12.47
CA VAL A 231 -7.17 -4.93 13.73
C VAL A 231 -7.71 -5.98 14.68
N TYR A 232 -9.02 -6.11 14.71
CA TYR A 232 -9.64 -7.05 15.65
C TYR A 232 -9.35 -8.48 15.29
N GLU A 233 -8.92 -8.74 14.06
CA GLU A 233 -8.69 -10.14 13.63
C GLU A 233 -7.24 -10.51 13.47
N LEU A 234 -6.33 -9.64 13.91
CA LEU A 234 -4.89 -9.96 13.82
C LEU A 234 -4.61 -11.25 14.56
N ASP A 235 -5.40 -11.56 15.58
CA ASP A 235 -5.20 -12.78 16.35
C ASP A 235 -5.58 -14.07 15.56
N ARG A 236 -6.14 -13.94 14.37
CA ARG A 236 -6.55 -15.10 13.55
C ARG A 236 -5.44 -15.47 12.54
N LEU A 237 -4.42 -14.62 12.34
CA LEU A 237 -3.38 -14.92 11.37
C LEU A 237 -2.67 -16.26 11.63
N GLN A 238 -2.61 -17.09 10.59
CA GLN A 238 -2.13 -18.49 10.70
C GLN A 238 -0.68 -18.75 10.28
N PRO A 240 3.68 -17.12 10.01
CA PRO A 240 4.64 -16.15 10.54
C PRO A 240 4.46 -14.78 9.82
N THR A 241 4.46 -13.74 10.64
CA THR A 241 4.25 -12.35 10.25
C THR A 241 5.40 -11.47 10.76
N LEU A 242 6.00 -10.72 9.88
CA LEU A 242 7.14 -9.85 10.15
C LEU A 242 6.59 -8.46 10.11
N LEU A 243 6.77 -7.63 11.11
CA LEU A 243 6.34 -6.22 11.12
C LEU A 243 7.62 -5.39 11.06
N LEU A 244 7.77 -4.65 9.97
CA LEU A 244 8.86 -3.71 9.74
C LEU A 244 8.25 -2.29 9.89
N ILE A 245 8.66 -1.63 10.95
CA ILE A 245 8.03 -0.38 11.42
C ILE A 245 9.04 0.74 11.62
N GLY A 246 8.98 1.77 10.78
CA GLY A 246 9.59 3.04 11.06
C GLY A 246 8.81 3.77 12.16
N GLU A 247 9.47 3.97 13.29
CA GLU A 247 8.81 4.53 14.44
C GLU A 247 8.56 6.05 14.44
N LYS A 248 9.12 6.77 13.47
CA LYS A 248 8.76 8.20 13.30
C LYS A 248 7.45 8.42 12.50
N ASP A 249 6.85 7.35 12.05
CA ASP A 249 5.58 7.40 11.35
C ASP A 249 4.52 7.98 12.30
N ASN A 250 3.71 8.91 11.81
CA ASN A 250 2.57 9.39 12.61
C ASN A 250 1.25 9.28 11.81
N THR A 251 1.21 8.41 10.79
CA THR A 251 0.04 8.24 9.98
C THR A 251 -1.22 7.86 10.76
N ALA A 252 -2.33 8.55 10.49
CA ALA A 252 -3.63 8.17 11.05
C ALA A 252 -4.71 8.85 10.20
N ILE A 253 -5.71 8.09 9.81
CA ILE A 253 -6.82 8.61 9.06
C ILE A 253 -7.57 9.68 9.90
N GLY A 254 -7.84 10.82 9.26
CA GLY A 254 -8.58 11.90 9.87
C GLY A 254 -7.88 12.69 10.93
N LYS A 255 -6.57 12.51 11.05
CA LYS A 255 -5.85 13.13 12.14
C LYS A 255 -6.05 14.65 12.13
N ASP A 256 -6.14 15.28 10.95
CA ASP A 256 -6.36 16.74 10.91
C ASP A 256 -7.78 17.21 11.30
N ALA A 257 -8.80 16.37 11.17
CA ALA A 257 -10.13 16.73 11.71
C ALA A 257 -10.36 16.28 13.18
N ALA A 258 -9.39 15.57 13.75
CA ALA A 258 -9.47 15.16 15.14
C ALA A 258 -9.17 16.37 16.04
N PRO A 259 -9.86 16.44 17.20
CA PRO A 259 -9.48 17.42 18.23
C PRO A 259 -8.04 17.22 18.69
N ALA A 260 -7.42 18.25 19.24
CA ALA A 260 -6.03 18.20 19.67
C ALA A 260 -5.73 17.03 20.61
N GLU A 261 -6.64 16.72 21.51
CA GLU A 261 -6.39 15.66 22.48
C GLU A 261 -6.35 14.31 21.80
N LEU A 262 -7.08 14.17 20.72
CA LEU A 262 -7.07 12.90 20.04
C LEU A 262 -5.90 12.84 19.07
N LYS A 263 -5.58 13.95 18.38
CA LYS A 263 -4.39 13.99 17.53
C LYS A 263 -3.17 13.46 18.27
N ALA A 264 -3.05 13.87 19.52
CA ALA A 264 -1.88 13.58 20.30
C ALA A 264 -1.73 12.10 20.53
N ARG A 265 -2.83 11.37 20.46
CA ARG A 265 -2.82 9.95 20.71
C ARG A 265 -2.84 9.05 19.47
N LEU A 266 -3.10 9.60 18.28
CA LEU A 266 -3.15 8.78 17.09
C LEU A 266 -1.81 8.60 16.43
N GLY A 267 -1.68 7.50 15.71
CA GLY A 267 -0.50 7.29 14.91
C GLY A 267 0.76 7.15 15.73
N ASN A 268 0.66 6.57 16.90
CA ASN A 268 1.89 6.39 17.66
C ASN A 268 2.53 5.06 17.26
N TYR A 269 3.35 5.06 16.24
CA TYR A 269 3.79 3.79 15.64
C TYR A 269 4.72 3.02 16.54
N ALA A 270 5.39 3.73 17.45
CA ALA A 270 6.24 3.07 18.42
C ALA A 270 5.44 2.16 19.32
N GLN A 271 4.17 2.50 19.55
CA GLN A 271 3.32 1.65 20.36
C GLN A 271 2.50 0.68 19.49
N LEU A 272 2.01 1.17 18.38
CA LEU A 272 1.14 0.35 17.53
C LEU A 272 1.77 -0.97 17.01
N GLY A 273 3.06 -0.92 16.70
CA GLY A 273 3.83 -2.13 16.33
C GLY A 273 3.89 -3.13 17.46
N LYS A 274 4.15 -2.64 18.66
CA LYS A 274 4.25 -3.52 19.80
C LYS A 274 2.90 -4.14 20.08
N ASP A 275 1.84 -3.34 19.94
CA ASP A 275 0.51 -3.88 20.16
C ASP A 275 0.14 -4.96 19.17
N ALA A 276 0.46 -4.73 17.91
CA ALA A 276 0.20 -5.72 16.84
C ALA A 276 0.98 -6.99 17.08
N ALA A 277 2.26 -6.85 17.44
CA ALA A 277 3.09 -8.04 17.72
C ALA A 277 2.53 -8.88 18.85
N ARG A 278 1.94 -8.23 19.84
CA ARG A 278 1.37 -8.95 20.96
C ARG A 278 0.22 -9.83 20.53
N ARG A 279 -0.55 -9.38 19.57
CA ARG A 279 -1.82 -10.03 19.17
C ARG A 279 -1.72 -11.04 18.03
N ILE A 280 -0.82 -10.78 17.12
CA ILE A 280 -0.51 -11.73 16.05
C ILE A 280 0.17 -12.97 16.66
N PRO A 281 -0.36 -14.17 16.37
CA PRO A 281 0.20 -15.37 17.02
C PRO A 281 1.72 -15.60 16.81
N GLN A 282 2.18 -15.47 15.57
CA GLN A 282 3.56 -15.77 15.19
C GLN A 282 4.24 -14.52 14.66
N ALA A 283 4.45 -13.52 15.52
CA ALA A 283 4.91 -12.22 15.06
C ALA A 283 6.40 -12.02 15.37
N THR A 284 7.08 -11.32 14.48
CA THR A 284 8.45 -10.80 14.70
C THR A 284 8.43 -9.30 14.41
N LEU A 285 8.81 -8.49 15.37
CA LEU A 285 8.78 -7.06 15.21
C LEU A 285 10.20 -6.53 15.04
N VAL A 286 10.37 -5.78 13.95
CA VAL A 286 11.60 -5.09 13.65
C VAL A 286 11.35 -3.59 13.54
N GLU A 287 11.82 -2.86 14.55
CA GLU A 287 11.65 -1.41 14.61
C GLU A 287 12.88 -0.63 14.09
N PHE A 288 12.63 0.42 13.30
CA PHE A 288 13.65 1.36 12.85
C PHE A 288 13.32 2.70 13.54
N PRO A 289 13.96 3.00 14.68
CA PRO A 289 13.64 4.22 15.48
C PRO A 289 13.71 5.55 14.75
N ASP A 290 14.51 5.64 13.69
CA ASP A 290 14.77 6.92 13.01
C ASP A 290 14.07 7.07 11.68
N LEU A 291 13.35 6.03 11.25
CA LEU A 291 12.68 6.07 9.96
C LEU A 291 11.17 6.30 10.15
N GLY A 292 10.57 6.86 9.12
CA GLY A 292 9.14 7.16 9.11
C GLY A 292 8.31 6.07 8.40
N HIS A 293 7.25 6.54 7.75
CA HIS A 293 6.18 5.71 7.15
C HIS A 293 6.67 4.86 6.03
N THR A 294 7.75 5.29 5.37
CA THR A 294 8.20 4.62 4.14
C THR A 294 9.67 4.30 4.22
N PRO A 295 10.03 3.39 5.14
CA PRO A 295 11.40 3.12 5.43
C PRO A 295 12.16 2.56 4.24
N GLN A 296 11.45 1.86 3.36
CA GLN A 296 12.05 1.24 2.18
C GLN A 296 12.59 2.29 1.20
N ILE A 297 12.00 3.47 1.20
CA ILE A 297 12.46 4.57 0.35
C ILE A 297 13.45 5.46 1.13
N GLN A 298 13.18 5.72 2.41
CA GLN A 298 14.01 6.60 3.21
C GLN A 298 15.42 5.99 3.38
N ALA A 299 15.49 4.66 3.62
CA ALA A 299 16.78 4.01 3.89
C ALA A 299 16.86 2.64 3.19
N PRO A 300 16.98 2.63 1.88
CA PRO A 300 16.82 1.38 1.14
C PRO A 300 17.80 0.25 1.55
N GLU A 301 19.06 0.57 1.73
CA GLU A 301 20.04 -0.51 2.04
C GLU A 301 19.68 -1.19 3.37
N ARG A 302 19.48 -0.39 4.43
CA ARG A 302 19.13 -0.95 5.72
C ARG A 302 17.80 -1.71 5.69
N PHE A 303 16.79 -1.17 5.01
CA PHE A 303 15.52 -1.82 4.95
C PHE A 303 15.66 -3.16 4.25
N HIS A 304 16.33 -3.17 3.10
CA HIS A 304 16.46 -4.41 2.33
C HIS A 304 17.25 -5.47 3.05
N GLN A 305 18.26 -5.10 3.83
CA GLN A 305 18.98 -6.10 4.61
C GLN A 305 18.07 -6.74 5.66
N ALA A 306 17.25 -5.95 6.33
CA ALA A 306 16.28 -6.50 7.29
C ALA A 306 15.25 -7.40 6.60
N LEU A 307 14.74 -6.99 5.43
CA LEU A 307 13.72 -7.72 4.75
C LEU A 307 14.23 -9.05 4.23
N LEU A 308 15.39 -9.04 3.59
CA LEU A 308 15.96 -10.32 3.10
C LEU A 308 16.16 -11.29 4.26
N GLU A 309 16.71 -10.82 5.36
CA GLU A 309 16.93 -11.70 6.47
C GLU A 309 15.60 -12.15 7.09
N GLY A 310 14.61 -11.26 7.18
CA GLY A 310 13.31 -11.62 7.76
C GLY A 310 12.50 -12.58 6.91
N LEU A 311 12.79 -12.62 5.62
CA LEU A 311 12.09 -13.54 4.69
C LEU A 311 12.64 -14.95 4.76
N GLN A 312 13.80 -15.14 5.38
CA GLN A 312 14.44 -16.45 5.31
C GLN A 312 13.79 -17.48 6.20
N THR A 313 13.73 -18.70 5.65
CA THR A 313 12.96 -19.84 6.16
C THR A 313 13.73 -20.64 7.20
#